data_3VNH
#
_entry.id   3VNH
#
_cell.length_a   85.368
_cell.length_b   85.368
_cell.length_c   145.903
_cell.angle_alpha   90.00
_cell.angle_beta   90.00
_cell.angle_gamma   120.00
#
_symmetry.space_group_name_H-M   'P 65 2 2'
#
loop_
_entity.id
_entity.type
_entity.pdbx_description
1 polymer 'Kelch-like ECH-associated protein 1'
2 non-polymer '2-(3-((3-(5-(furan-2-yl)-1,3,4-oxadiazol-2-yl)ureido)methyl)phenoxy)acetic acid'
3 water water
#
_entity_poly.entity_id   1
_entity_poly.type   'polypeptide(L)'
_entity_poly.pdbx_seq_one_letter_code
;GSSHHHHHHSSGLVPRGSHMAPKVGRLIYTAGGYFRQSLSYLEAYNPSDGTWLRLADLQVPRSGLAGCVVGGLLYAVGGR
NNSPDGNTDSSALDCYNPMTNQWSPCAPMSVPRNRIGVGVIDGHIYAVGGSHGCIHHNSVERYEPERDEWHLVAPMLTRR
IGVGVAVLNRLLYAVGGFDGTNRLNSAECYYPERNEWRMITAMNTIRSGAGVCVLHNCIYAAGGYDGQDQLNSVERYDVE
TETWTFVAPMKHRRSALGITVHQGRIYVLGGYDGHTFLDSVECYDPDTDTWSEVTRMTSGRSGVGVAVT
;
_entity_poly.pdbx_strand_id   A
#
loop_
_chem_comp.id
_chem_comp.type
_chem_comp.name
_chem_comp.formula
FUU non-polymer '2-(3-((3-(5-(furan-2-yl)-1,3,4-oxadiazol-2-yl)ureido)methyl)phenoxy)acetic acid' 'C16 H14 N4 O6'
#
# COMPACT_ATOMS: atom_id res chain seq x y z
N PRO A 22 -25.71 -0.72 -2.10
CA PRO A 22 -26.13 0.71 -2.13
C PRO A 22 -24.91 1.60 -1.97
N LYS A 23 -24.91 2.72 -2.66
CA LYS A 23 -23.79 3.66 -2.58
C LYS A 23 -24.04 4.60 -1.41
N VAL A 24 -23.22 4.47 -0.38
CA VAL A 24 -23.37 5.28 0.83
C VAL A 24 -22.44 6.48 0.94
N GLY A 25 -21.66 6.74 -0.11
CA GLY A 25 -20.77 7.89 -0.08
C GLY A 25 -19.35 7.68 0.45
N ARG A 26 -18.85 6.43 0.42
CA ARG A 26 -17.48 6.19 0.89
C ARG A 26 -16.49 6.94 0.02
N LEU A 27 -15.36 7.33 0.61
CA LEU A 27 -14.34 8.09 -0.10
C LEU A 27 -13.00 7.38 -0.13
N ILE A 28 -12.16 7.82 -1.07
CA ILE A 28 -10.82 7.28 -1.21
C ILE A 28 -9.89 8.32 -0.59
N TYR A 29 -9.16 7.92 0.45
CA TYR A 29 -8.23 8.82 1.12
C TYR A 29 -6.81 8.53 0.71
N THR A 30 -6.03 9.58 0.48
CA THR A 30 -4.63 9.42 0.13
C THR A 30 -3.84 10.22 1.17
N ALA A 31 -2.90 9.57 1.84
CA ALA A 31 -2.10 10.20 2.89
C ALA A 31 -0.62 10.20 2.58
N GLY A 32 0.05 11.31 2.92
CA GLY A 32 1.47 11.44 2.69
C GLY A 32 1.86 11.31 1.23
N GLY A 33 3.03 10.74 0.98
CA GLY A 33 3.55 10.58 -0.38
C GLY A 33 4.88 11.31 -0.56
N TYR A 34 5.37 11.30 -1.82
CA TYR A 34 6.62 12.03 -2.07
C TYR A 34 6.56 12.85 -3.37
N PHE A 35 6.89 14.14 -3.20
CA PHE A 35 7.18 15.01 -4.34
C PHE A 35 8.16 16.11 -3.92
N ARG A 36 9.41 15.99 -4.41
CA ARG A 36 10.43 16.96 -4.00
C ARG A 36 10.87 16.69 -2.56
N GLN A 37 9.93 16.12 -1.79
CA GLN A 37 10.26 15.57 -0.49
C GLN A 37 9.05 14.83 0.08
N SER A 38 9.23 14.27 1.28
CA SER A 38 8.10 13.63 1.93
C SER A 38 6.98 14.64 2.19
N LEU A 39 5.74 14.24 1.93
CA LEU A 39 4.60 15.11 2.10
C LEU A 39 3.74 14.75 3.31
N SER A 40 2.93 15.72 3.71
CA SER A 40 2.01 15.62 4.85
C SER A 40 0.58 15.32 4.40
N TYR A 41 0.30 15.58 3.12
CA TYR A 41 -1.05 15.80 2.62
C TYR A 41 -2.00 14.66 2.90
N LEU A 42 -3.25 15.02 3.22
CA LEU A 42 -4.31 14.05 3.43
C LEU A 42 -5.48 14.61 2.63
N GLU A 43 -5.86 13.89 1.58
CA GLU A 43 -6.96 14.33 0.74
C GLU A 43 -7.92 13.18 0.49
N ALA A 44 -9.18 13.52 0.27
CA ALA A 44 -10.21 12.53 0.01
C ALA A 44 -10.86 12.79 -1.35
N TYR A 45 -11.05 11.71 -2.12
CA TYR A 45 -11.66 11.80 -3.43
C TYR A 45 -13.00 11.09 -3.46
N ASN A 46 -14.00 11.72 -4.06
CA ASN A 46 -15.31 11.12 -4.17
C ASN A 46 -15.54 10.71 -5.61
N PRO A 47 -15.44 9.39 -5.90
CA PRO A 47 -15.64 8.87 -7.25
C PRO A 47 -17.00 9.20 -7.83
N SER A 48 -17.98 9.46 -6.97
CA SER A 48 -19.34 9.77 -7.45
C SER A 48 -19.45 11.11 -8.17
N ASP A 49 -18.86 12.16 -7.61
CA ASP A 49 -18.93 13.48 -8.24
C ASP A 49 -17.56 13.96 -8.72
N GLY A 50 -16.54 13.13 -8.51
CA GLY A 50 -15.20 13.47 -8.94
C GLY A 50 -14.53 14.63 -8.22
N THR A 51 -15.00 14.97 -7.02
CA THR A 51 -14.41 16.07 -6.27
C THR A 51 -13.35 15.64 -5.27
N TRP A 52 -12.44 16.56 -4.95
CA TRP A 52 -11.39 16.31 -3.98
C TRP A 52 -11.54 17.25 -2.79
N LEU A 53 -11.18 16.80 -1.61
CA LEU A 53 -11.28 17.60 -0.40
C LEU A 53 -9.99 17.50 0.39
N ARG A 54 -9.37 18.64 0.71
CA ARG A 54 -8.14 18.64 1.48
C ARG A 54 -8.48 18.55 2.96
N LEU A 55 -7.87 17.59 3.66
CA LEU A 55 -8.15 17.42 5.09
C LEU A 55 -6.93 17.74 5.95
N ALA A 56 -7.07 17.53 7.26
CA ALA A 56 -5.99 17.80 8.21
C ALA A 56 -4.71 17.08 7.80
N ASP A 57 -3.58 17.78 7.92
CA ASP A 57 -2.24 17.27 7.59
C ASP A 57 -1.72 16.25 8.61
N LEU A 58 -0.86 15.33 8.12
CA LEU A 58 -0.13 14.46 9.04
C LEU A 58 0.75 15.32 9.94
N GLN A 59 0.92 14.89 11.21
CA GLN A 59 1.78 15.68 12.11
C GLN A 59 3.24 15.65 11.64
N VAL A 60 3.60 14.61 10.90
CA VAL A 60 4.97 14.42 10.41
C VAL A 60 4.91 13.95 8.95
N PRO A 61 5.62 14.64 8.05
CA PRO A 61 5.62 14.27 6.63
C PRO A 61 6.07 12.82 6.47
N ARG A 62 5.55 12.11 5.49
CA ARG A 62 5.94 10.71 5.31
C ARG A 62 5.71 10.24 3.88
N SER A 63 6.77 9.62 3.34
CA SER A 63 6.63 8.89 2.09
C SER A 63 6.98 7.41 2.31
N GLY A 64 6.46 6.53 1.43
CA GLY A 64 6.77 5.11 1.60
C GLY A 64 6.02 4.48 2.77
N LEU A 65 4.92 5.15 3.19
CA LEU A 65 4.10 4.58 4.23
C LEU A 65 2.96 3.74 3.65
N ALA A 66 2.22 3.08 4.55
CA ALA A 66 1.05 2.37 4.10
C ALA A 66 -0.18 2.93 4.82
N GLY A 67 -1.32 2.80 4.16
CA GLY A 67 -2.54 3.27 4.78
C GLY A 67 -3.54 2.14 4.91
N CYS A 68 -4.45 2.25 5.87
CA CYS A 68 -5.46 1.21 6.04
C CYS A 68 -6.56 1.76 6.93
N VAL A 69 -7.70 1.08 6.91
CA VAL A 69 -8.83 1.49 7.70
C VAL A 69 -9.31 0.37 8.61
N VAL A 70 -9.58 0.74 9.85
CA VAL A 70 -10.10 -0.20 10.84
C VAL A 70 -11.11 0.55 11.69
N GLY A 71 -12.32 0.00 11.80
CA GLY A 71 -13.35 0.63 12.59
C GLY A 71 -13.62 2.07 12.22
N GLY A 72 -13.71 2.34 10.91
CA GLY A 72 -13.98 3.69 10.44
C GLY A 72 -12.85 4.69 10.62
N LEU A 73 -11.72 4.25 11.17
CA LEU A 73 -10.59 5.15 11.37
C LEU A 73 -9.51 4.84 10.34
N LEU A 74 -8.83 5.89 9.86
CA LEU A 74 -7.76 5.74 8.89
C LEU A 74 -6.42 5.70 9.62
N TYR A 75 -5.55 4.75 9.27
CA TYR A 75 -4.25 4.66 9.90
C TYR A 75 -3.10 4.89 8.92
N ALA A 76 -2.09 5.64 9.35
CA ALA A 76 -0.89 5.91 8.55
C ALA A 76 0.21 5.13 9.27
N VAL A 77 0.85 4.21 8.54
CA VAL A 77 1.86 3.35 9.13
C VAL A 77 3.26 3.41 8.52
N GLY A 78 4.25 3.53 9.39
CA GLY A 78 5.64 3.57 8.96
C GLY A 78 5.94 4.63 7.91
N GLY A 79 6.86 4.29 7.00
CA GLY A 79 7.22 5.23 5.96
C GLY A 79 8.53 5.91 6.32
N ARG A 80 8.70 7.13 5.84
CA ARG A 80 9.93 7.86 6.09
C ARG A 80 9.78 9.33 5.76
N ASN A 81 10.54 10.16 6.47
CA ASN A 81 10.51 11.59 6.23
C ASN A 81 11.85 12.00 5.67
N ASN A 82 11.87 12.29 4.38
CA ASN A 82 13.09 12.75 3.73
C ASN A 82 12.89 14.11 3.07
N SER A 83 13.77 15.02 3.50
CA SER A 83 13.87 16.34 2.91
C SER A 83 15.25 16.93 3.25
N PRO A 84 15.52 18.13 2.73
CA PRO A 84 16.75 18.84 3.05
C PRO A 84 17.00 18.91 4.56
N ASP A 85 15.92 18.68 5.33
CA ASP A 85 16.11 18.68 6.77
C ASP A 85 16.47 17.28 7.30
N GLY A 86 16.62 16.33 6.35
CA GLY A 86 17.19 15.05 6.73
C GLY A 86 16.36 13.85 6.30
N ASN A 87 16.88 12.66 6.64
CA ASN A 87 16.21 11.42 6.30
C ASN A 87 16.06 10.53 7.54
N THR A 88 14.79 10.34 7.92
CA THR A 88 14.52 9.54 9.12
C THR A 88 13.41 8.53 8.87
N ASP A 89 13.77 7.24 9.00
CA ASP A 89 12.76 6.20 8.82
C ASP A 89 11.75 6.24 9.97
N SER A 90 10.50 5.85 9.65
CA SER A 90 9.46 6.03 10.66
C SER A 90 8.90 4.71 11.20
N SER A 91 8.86 4.64 12.55
CA SER A 91 8.17 3.54 13.20
C SER A 91 6.78 3.97 13.72
N ALA A 92 6.36 5.18 13.29
CA ALA A 92 5.13 5.76 13.85
C ALA A 92 3.84 5.16 13.26
N LEU A 93 2.80 5.32 14.05
CA LEU A 93 1.45 4.88 13.71
C LEU A 93 0.54 6.01 14.16
N ASP A 94 -0.24 6.54 13.22
CA ASP A 94 -1.14 7.63 13.54
C ASP A 94 -2.54 7.32 13.02
N CYS A 95 -3.54 7.75 13.78
CA CYS A 95 -4.94 7.41 13.55
C CYS A 95 -5.83 8.64 13.26
N TYR A 96 -6.37 8.74 12.05
CA TYR A 96 -7.13 9.91 11.63
C TYR A 96 -8.62 9.59 11.73
N ASN A 97 -9.36 10.46 12.40
CA ASN A 97 -10.80 10.26 12.54
C ASN A 97 -11.53 11.18 11.58
N PRO A 98 -12.14 10.61 10.53
CA PRO A 98 -12.88 11.37 9.51
C PRO A 98 -13.98 12.24 10.09
N MET A 99 -14.54 11.82 11.23
CA MET A 99 -15.61 12.54 11.89
C MET A 99 -15.14 13.81 12.61
N THR A 100 -13.92 13.78 13.12
CA THR A 100 -13.37 14.93 13.83
C THR A 100 -12.31 15.66 13.01
N ASN A 101 -11.86 15.03 11.93
CA ASN A 101 -10.84 15.60 11.06
C ASN A 101 -9.58 15.87 11.87
N GLN A 102 -9.25 14.96 12.77
CA GLN A 102 -8.07 15.08 13.61
C GLN A 102 -7.20 13.83 13.62
N TRP A 103 -5.89 14.04 13.71
CA TRP A 103 -4.93 12.94 13.78
C TRP A 103 -4.54 12.73 15.22
N SER A 104 -4.31 11.47 15.61
CA SER A 104 -3.91 11.17 16.98
C SER A 104 -2.77 10.18 16.93
N PRO A 105 -1.70 10.42 17.71
CA PRO A 105 -0.58 9.52 17.75
C PRO A 105 -0.96 8.22 18.44
N CYS A 106 -0.55 7.09 17.81
CA CYS A 106 -0.74 5.79 18.46
C CYS A 106 0.60 5.19 18.87
N ALA A 107 0.56 4.01 19.52
CA ALA A 107 1.81 3.38 19.90
C ALA A 107 2.67 3.08 18.66
N PRO A 108 3.99 3.29 18.78
CA PRO A 108 4.91 3.07 17.65
C PRO A 108 5.27 1.59 17.49
N MET A 109 5.71 1.24 16.27
CA MET A 109 6.17 -0.13 16.03
C MET A 109 7.54 -0.38 16.69
N SER A 110 7.90 -1.67 16.80
CA SER A 110 9.18 -2.02 17.42
C SER A 110 10.37 -1.48 16.60
N VAL A 111 10.12 -1.19 15.32
CA VAL A 111 11.19 -0.66 14.47
C VAL A 111 10.64 0.26 13.40
N PRO A 112 11.50 1.17 12.92
CA PRO A 112 11.17 1.97 11.77
C PRO A 112 10.97 1.06 10.57
N ARG A 113 9.94 1.38 9.75
CA ARG A 113 9.64 0.54 8.60
C ARG A 113 9.34 1.39 7.36
N ASN A 114 10.34 1.67 6.53
CA ASN A 114 10.14 2.48 5.34
C ASN A 114 9.82 1.54 4.18
N ARG A 115 8.93 1.98 3.28
CA ARG A 115 8.50 1.19 2.15
C ARG A 115 7.95 -0.12 2.69
N ILE A 116 7.01 0.09 3.61
CA ILE A 116 6.31 -0.95 4.35
C ILE A 116 5.11 -1.48 3.56
N GLY A 117 4.69 -2.69 3.94
CA GLY A 117 3.43 -3.20 3.46
C GLY A 117 2.47 -3.43 4.63
N VAL A 118 1.17 -3.18 4.41
CA VAL A 118 0.23 -3.32 5.52
C VAL A 118 -1.04 -4.07 5.10
N GLY A 119 -1.59 -4.82 6.04
CA GLY A 119 -2.81 -5.58 5.80
C GLY A 119 -3.62 -5.67 7.08
N VAL A 120 -4.93 -5.80 6.96
CA VAL A 120 -5.81 -5.88 8.14
C VAL A 120 -6.52 -7.22 8.24
N ILE A 121 -6.51 -7.79 9.44
CA ILE A 121 -7.18 -9.07 9.71
C ILE A 121 -7.84 -8.94 11.07
N ASP A 122 -9.11 -9.29 11.17
CA ASP A 122 -9.82 -9.20 12.44
C ASP A 122 -9.61 -7.87 13.14
N GLY A 123 -9.62 -6.77 12.39
CA GLY A 123 -9.48 -5.48 13.05
C GLY A 123 -8.05 -5.19 13.56
N HIS A 124 -7.11 -6.11 13.23
CA HIS A 124 -5.73 -5.91 13.64
C HIS A 124 -4.84 -5.48 12.46
N ILE A 125 -3.94 -4.50 12.72
CA ILE A 125 -3.09 -3.99 11.63
C ILE A 125 -1.75 -4.73 11.54
N TYR A 126 -1.44 -5.37 10.42
CA TYR A 126 -0.20 -6.09 10.28
C TYR A 126 0.81 -5.24 9.50
N ALA A 127 1.95 -4.96 10.12
CA ALA A 127 2.99 -4.18 9.47
C ALA A 127 3.99 -5.19 8.94
N VAL A 128 4.18 -5.22 7.62
CA VAL A 128 5.07 -6.18 6.97
C VAL A 128 6.32 -5.63 6.30
N GLY A 129 7.47 -6.21 6.65
CA GLY A 129 8.77 -5.88 6.06
C GLY A 129 9.12 -4.39 6.20
N GLY A 130 9.61 -3.81 5.08
CA GLY A 130 10.09 -2.44 5.13
C GLY A 130 11.57 -2.38 5.54
N SER A 131 12.11 -1.15 5.64
CA SER A 131 13.52 -1.04 6.00
C SER A 131 13.78 0.05 7.05
N HIS A 132 14.97 -0.03 7.62
CA HIS A 132 15.47 0.93 8.59
C HIS A 132 16.97 0.99 8.30
N GLY A 133 17.40 2.06 7.65
CA GLY A 133 18.79 2.16 7.28
C GLY A 133 19.04 1.11 6.23
N CYS A 134 20.18 0.40 6.35
CA CYS A 134 20.48 -0.65 5.36
C CYS A 134 19.90 -2.01 5.80
N ILE A 135 19.06 -1.96 6.85
CA ILE A 135 18.43 -3.18 7.35
C ILE A 135 17.12 -3.42 6.61
N HIS A 136 17.00 -4.60 5.99
CA HIS A 136 15.81 -5.03 5.28
C HIS A 136 15.03 -6.05 6.09
N HIS A 137 13.88 -5.60 6.65
CA HIS A 137 13.07 -6.43 7.54
C HIS A 137 12.44 -7.61 6.80
N ASN A 138 12.60 -8.83 7.35
CA ASN A 138 11.63 -9.89 7.08
C ASN A 138 10.58 -10.00 8.22
N SER A 139 10.82 -9.22 9.30
CA SER A 139 9.98 -9.34 10.47
C SER A 139 8.61 -8.71 10.27
N VAL A 140 7.64 -9.22 11.06
CA VAL A 140 6.31 -8.67 10.96
C VAL A 140 5.75 -8.43 12.35
N GLU A 141 4.95 -7.39 12.54
CA GLU A 141 4.35 -7.15 13.84
C GLU A 141 2.89 -6.79 13.66
N ARG A 142 2.11 -7.05 14.71
CA ARG A 142 0.67 -6.82 14.69
C ARG A 142 0.21 -5.76 15.70
N TYR A 143 -0.69 -4.87 15.25
CA TYR A 143 -1.24 -3.81 16.10
C TYR A 143 -2.72 -4.07 16.46
N GLU A 144 -3.03 -3.98 17.77
CA GLU A 144 -4.40 -4.15 18.31
C GLU A 144 -5.00 -2.84 18.82
N PRO A 145 -5.71 -2.13 17.95
CA PRO A 145 -6.31 -0.83 18.23
C PRO A 145 -6.86 -0.73 19.64
N GLU A 146 -7.63 -1.75 20.10
CA GLU A 146 -8.33 -1.55 21.36
C GLU A 146 -7.38 -1.60 22.55
N ARG A 147 -6.15 -2.11 22.29
CA ARG A 147 -5.14 -2.07 23.35
C ARG A 147 -3.99 -1.11 23.03
N ASP A 148 -4.00 -0.53 21.80
CA ASP A 148 -2.90 0.33 21.42
C ASP A 148 -1.54 -0.32 21.70
N GLU A 149 -1.45 -1.59 21.28
CA GLU A 149 -0.22 -2.35 21.53
C GLU A 149 0.21 -3.14 20.29
N TRP A 150 1.52 -3.08 20.03
CA TRP A 150 2.12 -3.81 18.91
C TRP A 150 2.63 -5.18 19.36
N HIS A 151 2.58 -6.16 18.45
CA HIS A 151 3.09 -7.49 18.80
C HIS A 151 3.80 -8.17 17.63
N LEU A 152 5.04 -8.59 17.91
CA LEU A 152 5.82 -9.36 16.96
C LEU A 152 5.16 -10.70 16.66
N VAL A 153 4.99 -10.96 15.34
CA VAL A 153 4.55 -12.28 14.92
C VAL A 153 5.64 -12.96 14.09
N ALA A 154 5.29 -14.10 13.49
CA ALA A 154 6.29 -14.82 12.70
C ALA A 154 6.83 -13.97 11.54
N PRO A 155 8.15 -14.03 11.32
CA PRO A 155 8.76 -13.26 10.24
C PRO A 155 8.53 -13.95 8.89
N MET A 156 8.55 -13.17 7.81
CA MET A 156 8.41 -13.72 6.47
C MET A 156 9.62 -14.59 6.14
N LEU A 157 9.44 -15.49 5.16
CA LEU A 157 10.58 -16.29 4.71
C LEU A 157 11.59 -15.44 3.95
N THR A 158 11.12 -14.27 3.47
CA THR A 158 11.97 -13.40 2.68
C THR A 158 11.98 -11.98 3.23
N ARG A 159 13.14 -11.33 3.15
CA ARG A 159 13.24 -9.93 3.55
C ARG A 159 12.61 -9.16 2.41
N ARG A 160 11.68 -8.26 2.74
CA ARG A 160 11.01 -7.50 1.69
C ARG A 160 10.76 -6.05 2.11
N ILE A 161 11.41 -5.13 1.38
CA ILE A 161 10.98 -3.74 1.43
C ILE A 161 10.39 -3.35 0.07
N GLY A 162 9.45 -2.39 0.10
CA GLY A 162 8.70 -2.13 -1.13
C GLY A 162 7.78 -3.31 -1.46
N VAL A 163 7.34 -3.98 -0.38
CA VAL A 163 6.43 -5.11 -0.55
C VAL A 163 4.97 -4.65 -0.59
N GLY A 164 4.18 -5.35 -1.40
CA GLY A 164 2.76 -5.04 -1.52
C GLY A 164 2.00 -6.07 -0.71
N VAL A 165 0.95 -5.63 -0.02
CA VAL A 165 0.18 -6.54 0.82
C VAL A 165 -1.33 -6.43 0.62
N ALA A 166 -2.00 -7.57 0.66
CA ALA A 166 -3.46 -7.62 0.52
C ALA A 166 -3.97 -8.78 1.36
N VAL A 167 -5.23 -8.73 1.76
CA VAL A 167 -5.82 -9.78 2.60
C VAL A 167 -7.09 -10.33 2.00
N LEU A 168 -7.19 -11.66 1.92
CA LEU A 168 -8.40 -12.31 1.41
C LEU A 168 -8.78 -13.49 2.32
N ASN A 169 -10.00 -13.44 2.83
CA ASN A 169 -10.52 -14.47 3.73
C ASN A 169 -9.56 -14.78 4.88
N ARG A 170 -9.15 -13.71 5.55
CA ARG A 170 -8.25 -13.76 6.70
C ARG A 170 -6.87 -14.38 6.45
N LEU A 171 -6.41 -14.31 5.20
CA LEU A 171 -5.09 -14.79 4.82
C LEU A 171 -4.38 -13.55 4.26
N LEU A 172 -3.14 -13.33 4.67
CA LEU A 172 -2.43 -12.14 4.21
C LEU A 172 -1.31 -12.49 3.23
N TYR A 173 -1.28 -11.77 2.11
CA TYR A 173 -0.29 -12.00 1.07
C TYR A 173 0.71 -10.85 0.95
N ALA A 174 2.00 -11.20 0.94
CA ALA A 174 3.08 -10.21 0.79
C ALA A 174 3.65 -10.48 -0.60
N VAL A 175 3.55 -9.49 -1.48
CA VAL A 175 3.98 -9.67 -2.86
C VAL A 175 5.18 -8.84 -3.33
N GLY A 176 6.19 -9.54 -3.85
CA GLY A 176 7.37 -8.87 -4.38
C GLY A 176 8.20 -8.10 -3.38
N GLY A 177 8.85 -7.06 -3.88
CA GLY A 177 9.70 -6.25 -3.02
C GLY A 177 11.16 -6.34 -3.38
N PHE A 178 12.01 -5.98 -2.42
CA PHE A 178 13.47 -5.98 -2.59
C PHE A 178 14.08 -6.54 -1.30
N ASP A 179 14.89 -7.58 -1.42
CA ASP A 179 15.47 -8.20 -0.23
C ASP A 179 16.79 -7.62 0.22
N GLY A 180 17.22 -6.53 -0.41
CA GLY A 180 18.48 -5.92 -0.04
C GLY A 180 19.54 -6.14 -1.10
N THR A 181 19.43 -7.25 -1.83
CA THR A 181 20.36 -7.58 -2.89
C THR A 181 19.60 -7.67 -4.21
N ASN A 182 18.50 -8.41 -4.20
CA ASN A 182 17.77 -8.55 -5.46
C ASN A 182 16.30 -8.13 -5.31
N ARG A 183 15.72 -7.72 -6.45
CA ARG A 183 14.27 -7.49 -6.49
C ARG A 183 13.54 -8.82 -6.75
N LEU A 184 12.38 -9.00 -6.08
CA LEU A 184 11.71 -10.30 -6.16
C LEU A 184 10.46 -10.28 -7.04
N ASN A 185 10.31 -11.46 -7.67
CA ASN A 185 9.02 -11.83 -8.26
C ASN A 185 8.25 -12.82 -7.37
N SER A 186 8.86 -13.16 -6.21
CA SER A 186 8.23 -14.12 -5.31
C SER A 186 7.18 -13.47 -4.41
N ALA A 187 6.38 -14.33 -3.78
CA ALA A 187 5.31 -13.91 -2.89
C ALA A 187 5.08 -15.02 -1.87
N GLU A 188 4.51 -14.64 -0.73
CA GLU A 188 4.22 -15.61 0.32
C GLU A 188 2.92 -15.25 1.01
N CYS A 189 2.35 -16.23 1.70
CA CYS A 189 1.07 -16.08 2.38
C CYS A 189 1.24 -16.31 3.88
N TYR A 190 0.57 -15.47 4.67
CA TYR A 190 0.63 -15.58 6.14
C TYR A 190 -0.68 -16.13 6.68
N TYR A 191 -0.57 -17.18 7.51
CA TYR A 191 -1.72 -17.82 8.14
C TYR A 191 -1.70 -17.28 9.56
N PRO A 192 -2.56 -16.29 9.85
CA PRO A 192 -2.67 -15.64 11.16
C PRO A 192 -2.91 -16.54 12.36
N GLU A 193 -3.77 -17.55 12.22
CA GLU A 193 -4.05 -18.35 13.41
C GLU A 193 -2.91 -19.34 13.72
N ARG A 194 -2.28 -19.91 12.66
CA ARG A 194 -1.12 -20.74 12.91
C ARG A 194 0.16 -19.90 13.07
N ASN A 195 0.05 -18.61 12.70
CA ASN A 195 1.22 -17.75 12.74
C ASN A 195 2.40 -18.38 11.99
N GLU A 196 2.20 -18.58 10.68
CA GLU A 196 3.24 -19.09 9.80
C GLU A 196 3.20 -18.30 8.50
N TRP A 197 4.27 -18.47 7.72
CA TRP A 197 4.35 -17.99 6.35
C TRP A 197 4.66 -19.14 5.39
N ARG A 198 4.11 -19.09 4.17
CA ARG A 198 4.42 -20.11 3.20
C ARG A 198 4.45 -19.55 1.78
N MET A 199 5.51 -19.92 1.05
CA MET A 199 5.65 -19.40 -0.29
C MET A 199 4.48 -19.82 -1.19
N ILE A 200 4.04 -18.87 -2.04
CA ILE A 200 3.07 -19.22 -3.07
C ILE A 200 3.71 -19.10 -4.45
N THR A 201 2.90 -19.37 -5.50
CA THR A 201 3.42 -19.24 -6.85
C THR A 201 4.08 -17.88 -7.05
N ALA A 202 5.24 -17.89 -7.70
CA ALA A 202 5.97 -16.65 -7.98
C ALA A 202 5.30 -15.92 -9.14
N MET A 203 5.35 -14.59 -9.13
CA MET A 203 4.75 -13.79 -10.20
C MET A 203 5.50 -13.98 -11.50
N ASN A 204 4.89 -13.55 -12.60
CA ASN A 204 5.48 -13.63 -13.92
C ASN A 204 6.60 -12.59 -14.03
N THR A 205 6.43 -11.48 -13.31
CA THR A 205 7.38 -10.38 -13.36
C THR A 205 7.97 -9.97 -12.01
N ILE A 206 9.24 -9.56 -12.03
CA ILE A 206 9.91 -9.07 -10.82
C ILE A 206 9.26 -7.71 -10.52
N ARG A 207 8.78 -7.52 -9.30
CA ARG A 207 8.11 -6.26 -8.96
C ARG A 207 8.48 -5.77 -7.56
N SER A 208 9.00 -4.53 -7.51
CA SER A 208 9.11 -3.86 -6.22
C SER A 208 8.32 -2.54 -6.25
N GLY A 209 7.65 -2.24 -5.13
CA GLY A 209 6.87 -1.01 -5.09
C GLY A 209 5.66 -1.09 -6.03
N ALA A 210 5.08 -2.30 -6.09
CA ALA A 210 3.89 -2.48 -6.89
C ALA A 210 2.64 -2.18 -6.07
N GLY A 211 1.56 -1.85 -6.78
CA GLY A 211 0.31 -1.69 -6.08
C GLY A 211 -0.37 -3.04 -5.92
N VAL A 212 -0.58 -3.47 -4.68
CA VAL A 212 -1.19 -4.78 -4.42
C VAL A 212 -2.51 -4.61 -3.66
N CYS A 213 -3.56 -5.23 -4.17
CA CYS A 213 -4.87 -5.18 -3.53
C CYS A 213 -5.63 -6.46 -3.83
N VAL A 214 -6.81 -6.60 -3.23
CA VAL A 214 -7.64 -7.76 -3.47
C VAL A 214 -8.96 -7.33 -4.08
N LEU A 215 -9.43 -8.09 -5.07
CA LEU A 215 -10.70 -7.84 -5.72
C LEU A 215 -11.33 -9.17 -6.15
N HIS A 216 -12.49 -9.47 -5.53
CA HIS A 216 -13.06 -10.80 -5.71
C HIS A 216 -12.11 -11.90 -5.18
N ASN A 217 -11.76 -12.86 -6.05
CA ASN A 217 -10.91 -13.96 -5.57
C ASN A 217 -9.45 -13.84 -6.02
N CYS A 218 -9.03 -12.63 -6.44
CA CYS A 218 -7.66 -12.49 -6.94
C CYS A 218 -6.87 -11.41 -6.20
N ILE A 219 -5.56 -11.67 -6.04
CA ILE A 219 -4.67 -10.59 -5.58
C ILE A 219 -4.01 -9.91 -6.77
N TYR A 220 -4.22 -8.58 -6.89
CA TYR A 220 -3.62 -7.86 -8.01
C TYR A 220 -2.23 -7.33 -7.64
N ALA A 221 -1.34 -7.32 -8.64
CA ALA A 221 0.00 -6.78 -8.51
C ALA A 221 0.11 -5.87 -9.73
N ALA A 222 -0.10 -4.58 -9.51
CA ALA A 222 -0.08 -3.60 -10.58
C ALA A 222 1.19 -2.75 -10.58
N GLY A 223 1.82 -2.65 -11.75
CA GLY A 223 3.02 -1.84 -11.88
C GLY A 223 4.17 -2.31 -11.02
N GLY A 224 5.01 -1.36 -10.61
CA GLY A 224 6.16 -1.68 -9.80
C GLY A 224 7.45 -1.40 -10.56
N TYR A 225 8.57 -1.72 -9.94
CA TYR A 225 9.89 -1.53 -10.54
C TYR A 225 10.54 -2.90 -10.63
N ASP A 226 11.00 -3.28 -11.82
CA ASP A 226 11.58 -4.61 -11.98
C ASP A 226 13.11 -4.62 -11.83
N GLY A 227 13.67 -3.44 -11.51
CA GLY A 227 15.12 -3.36 -11.36
C GLY A 227 15.77 -2.51 -12.47
N GLN A 228 15.02 -2.32 -13.57
CA GLN A 228 15.52 -1.46 -14.64
C GLN A 228 14.46 -0.44 -15.07
N ASP A 229 13.22 -0.93 -15.24
CA ASP A 229 12.16 -0.04 -15.71
C ASP A 229 10.95 -0.02 -14.76
N GLN A 230 10.22 1.11 -14.78
CA GLN A 230 8.90 1.12 -14.15
C GLN A 230 7.92 0.31 -15.00
N LEU A 231 6.95 -0.37 -14.34
CA LEU A 231 6.08 -1.26 -15.09
C LEU A 231 4.64 -0.73 -15.17
N ASN A 232 4.03 -0.92 -16.35
CA ASN A 232 2.60 -0.65 -16.46
C ASN A 232 1.79 -1.94 -16.57
N SER A 233 2.51 -3.08 -16.70
CA SER A 233 1.82 -4.36 -16.71
C SER A 233 1.18 -4.68 -15.35
N VAL A 234 0.13 -5.49 -15.39
CA VAL A 234 -0.61 -5.87 -14.18
C VAL A 234 -0.94 -7.36 -14.25
N GLU A 235 -0.64 -8.09 -13.17
CA GLU A 235 -0.97 -9.51 -13.12
C GLU A 235 -1.72 -9.80 -11.82
N ARG A 236 -2.52 -10.87 -11.81
CA ARG A 236 -3.28 -11.22 -10.63
C ARG A 236 -3.20 -12.70 -10.29
N TYR A 237 -3.18 -12.97 -8.99
CA TYR A 237 -3.09 -14.32 -8.47
C TYR A 237 -4.47 -14.80 -8.03
N ASP A 238 -5.02 -15.80 -8.71
CA ASP A 238 -6.32 -16.33 -8.32
C ASP A 238 -6.02 -17.37 -7.24
N VAL A 239 -6.49 -17.12 -6.02
CA VAL A 239 -6.21 -18.07 -4.93
C VAL A 239 -6.79 -19.45 -5.13
N GLU A 240 -7.82 -19.57 -5.97
CA GLU A 240 -8.44 -20.85 -6.25
C GLU A 240 -7.59 -21.70 -7.20
N THR A 241 -7.12 -21.08 -8.30
CA THR A 241 -6.31 -21.78 -9.28
C THR A 241 -4.82 -21.68 -9.06
N GLU A 242 -4.42 -20.85 -8.11
CA GLU A 242 -3.01 -20.69 -7.77
C GLU A 242 -2.12 -20.24 -8.92
N THR A 243 -2.69 -19.49 -9.86
CA THR A 243 -1.95 -19.01 -11.01
C THR A 243 -1.89 -17.49 -11.07
N TRP A 244 -0.82 -16.96 -11.66
CA TRP A 244 -0.66 -15.52 -11.84
C TRP A 244 -0.95 -15.27 -13.32
N THR A 245 -1.88 -14.37 -13.59
CA THR A 245 -2.39 -14.07 -14.91
C THR A 245 -2.21 -12.60 -15.22
N PHE A 246 -1.80 -12.24 -16.44
CA PHE A 246 -1.76 -10.87 -16.87
C PHE A 246 -3.15 -10.38 -17.22
N VAL A 247 -3.52 -9.20 -16.73
CA VAL A 247 -4.73 -8.55 -17.23
C VAL A 247 -4.34 -7.30 -18.05
N ALA A 248 -5.32 -6.46 -18.39
CA ALA A 248 -4.97 -5.27 -19.16
C ALA A 248 -3.94 -4.41 -18.43
N PRO A 249 -2.98 -3.84 -19.17
CA PRO A 249 -1.95 -3.00 -18.60
C PRO A 249 -2.51 -1.60 -18.31
N MET A 250 -1.90 -0.92 -17.33
CA MET A 250 -2.30 0.47 -17.10
C MET A 250 -1.80 1.37 -18.22
N LYS A 251 -2.38 2.58 -18.31
CA LYS A 251 -1.92 3.53 -19.30
C LYS A 251 -0.50 4.02 -18.99
N HIS A 252 -0.27 4.28 -17.70
CA HIS A 252 1.03 4.79 -17.23
C HIS A 252 1.81 3.69 -16.52
N ARG A 253 3.11 3.53 -16.88
CA ARG A 253 3.95 2.72 -16.00
C ARG A 253 4.08 3.44 -14.67
N ARG A 254 4.13 2.65 -13.59
CA ARG A 254 4.31 3.30 -12.31
C ARG A 254 4.77 2.36 -11.21
N SER A 255 5.68 2.91 -10.40
CA SER A 255 6.05 2.25 -9.17
C SER A 255 5.74 3.16 -7.98
N ALA A 256 5.58 2.58 -6.79
CA ALA A 256 5.23 3.36 -5.60
C ALA A 256 3.88 4.04 -5.81
N LEU A 257 2.95 3.31 -6.43
CA LEU A 257 1.61 3.84 -6.68
C LEU A 257 0.71 3.52 -5.50
N GLY A 258 -0.28 4.40 -5.31
CA GLY A 258 -1.29 4.11 -4.31
C GLY A 258 -2.36 3.22 -4.94
N ILE A 259 -2.96 2.37 -4.12
CA ILE A 259 -3.98 1.50 -4.69
C ILE A 259 -5.03 1.09 -3.65
N THR A 260 -6.27 0.97 -4.15
CA THR A 260 -7.36 0.53 -3.30
C THR A 260 -8.53 0.09 -4.17
N VAL A 261 -9.58 -0.39 -3.49
CA VAL A 261 -10.78 -0.78 -4.21
C VAL A 261 -11.97 0.02 -3.68
N HIS A 262 -12.81 0.47 -4.61
CA HIS A 262 -13.97 1.25 -4.26
C HIS A 262 -15.13 0.78 -5.14
N GLN A 263 -16.20 0.35 -4.49
CA GLN A 263 -17.39 -0.12 -5.19
C GLN A 263 -17.12 -1.07 -6.35
N GLY A 264 -16.35 -2.12 -6.09
CA GLY A 264 -16.05 -3.11 -7.11
C GLY A 264 -15.00 -2.82 -8.16
N ARG A 265 -14.34 -1.66 -8.06
CA ARG A 265 -13.30 -1.32 -9.04
C ARG A 265 -11.98 -0.97 -8.37
N ILE A 266 -10.88 -1.24 -9.07
CA ILE A 266 -9.56 -0.95 -8.54
C ILE A 266 -9.18 0.46 -8.96
N TYR A 267 -8.58 1.21 -8.03
CA TYR A 267 -8.11 2.55 -8.31
C TYR A 267 -6.64 2.64 -7.99
N VAL A 268 -5.85 3.17 -8.92
CA VAL A 268 -4.43 3.34 -8.69
C VAL A 268 -4.19 4.84 -8.68
N LEU A 269 -3.42 5.32 -7.70
CA LEU A 269 -3.15 6.75 -7.57
C LEU A 269 -1.68 7.11 -7.64
N GLY A 270 -1.35 7.99 -8.59
CA GLY A 270 0.00 8.52 -8.74
C GLY A 270 1.06 7.39 -8.95
N GLY A 271 2.24 7.66 -8.37
CA GLY A 271 3.38 6.78 -8.58
C GLY A 271 4.43 7.49 -9.44
N TYR A 272 5.56 6.78 -9.65
CA TYR A 272 6.66 7.31 -10.45
C TYR A 272 6.76 6.52 -11.76
N ASP A 273 6.81 7.19 -12.91
CA ASP A 273 6.90 6.46 -14.17
C ASP A 273 8.32 6.40 -14.74
N GLY A 274 9.30 6.82 -13.91
CA GLY A 274 10.69 6.80 -14.37
C GLY A 274 11.13 8.17 -14.90
N HIS A 275 10.14 9.07 -15.05
CA HIS A 275 10.39 10.42 -15.53
C HIS A 275 9.63 11.43 -14.69
N THR A 276 8.32 11.18 -14.53
CA THR A 276 7.46 12.10 -13.79
C THR A 276 6.86 11.46 -12.54
N PHE A 277 6.50 12.33 -11.59
CA PHE A 277 5.63 11.91 -10.50
C PHE A 277 4.16 12.16 -10.84
N LEU A 278 3.47 11.05 -11.21
CA LEU A 278 2.15 11.17 -11.82
C LEU A 278 1.09 11.73 -10.86
N ASP A 279 0.23 12.59 -11.43
CA ASP A 279 -1.00 12.95 -10.72
C ASP A 279 -2.19 12.11 -11.19
N SER A 280 -1.89 11.16 -12.10
CA SER A 280 -2.98 10.46 -12.78
C SER A 280 -3.64 9.42 -11.88
N VAL A 281 -4.96 9.32 -12.01
CA VAL A 281 -5.68 8.25 -11.33
C VAL A 281 -6.38 7.37 -12.36
N GLU A 282 -6.02 6.08 -12.36
CA GLU A 282 -6.69 5.16 -13.29
C GLU A 282 -7.64 4.22 -12.55
N CYS A 283 -8.67 3.76 -13.25
CA CYS A 283 -9.68 2.88 -12.67
C CYS A 283 -9.81 1.60 -13.49
N TYR A 284 -9.74 0.46 -12.81
CA TYR A 284 -9.85 -0.83 -13.49
C TYR A 284 -11.21 -1.49 -13.30
N ASP A 285 -11.85 -1.80 -14.41
CA ASP A 285 -13.16 -2.46 -14.46
C ASP A 285 -12.92 -3.94 -14.78
N PRO A 286 -12.98 -4.84 -13.78
CA PRO A 286 -12.71 -6.25 -14.11
C PRO A 286 -13.69 -6.90 -15.10
N ASP A 287 -14.90 -6.37 -15.22
CA ASP A 287 -15.86 -6.97 -16.13
C ASP A 287 -15.46 -6.76 -17.59
N THR A 288 -14.91 -5.55 -17.86
CA THR A 288 -14.48 -5.26 -19.23
C THR A 288 -12.96 -5.36 -19.39
N ASP A 289 -12.28 -5.62 -18.25
CA ASP A 289 -10.81 -5.71 -18.25
C ASP A 289 -10.17 -4.51 -18.95
N THR A 290 -10.56 -3.33 -18.46
CA THR A 290 -10.10 -2.07 -19.02
C THR A 290 -9.64 -1.12 -17.90
N TRP A 291 -8.61 -0.28 -18.18
CA TRP A 291 -8.33 0.80 -17.28
C TRP A 291 -8.68 2.11 -17.99
N SER A 292 -9.12 3.11 -17.24
CA SER A 292 -9.40 4.41 -17.78
C SER A 292 -9.05 5.47 -16.75
N GLU A 293 -8.63 6.64 -17.26
CA GLU A 293 -8.30 7.73 -16.36
C GLU A 293 -9.58 8.47 -15.93
N VAL A 294 -9.83 8.47 -14.61
CA VAL A 294 -11.07 9.07 -14.12
C VAL A 294 -10.86 10.44 -13.48
N THR A 295 -9.64 10.67 -12.94
CA THR A 295 -9.35 11.99 -12.38
C THR A 295 -7.85 12.21 -12.22
N ARG A 296 -7.50 13.39 -11.69
CA ARG A 296 -6.12 13.64 -11.32
C ARG A 296 -6.03 14.09 -9.86
N MET A 297 -4.90 13.76 -9.23
CA MET A 297 -4.67 14.30 -7.91
C MET A 297 -4.35 15.80 -8.00
N THR A 298 -4.49 16.49 -6.86
CA THR A 298 -4.22 17.91 -6.89
C THR A 298 -2.74 18.20 -7.21
N SER A 299 -1.92 17.15 -7.18
CA SER A 299 -0.50 17.28 -7.48
C SER A 299 0.11 15.89 -7.54
N GLY A 300 1.02 15.70 -8.50
CA GLY A 300 1.67 14.40 -8.67
C GLY A 300 2.44 13.97 -7.44
N ARG A 301 2.53 12.66 -7.21
CA ARG A 301 3.24 12.12 -6.05
C ARG A 301 3.31 10.60 -6.09
N SER A 302 4.35 10.07 -5.43
CA SER A 302 4.46 8.62 -5.27
C SER A 302 4.58 8.25 -3.80
N GLY A 303 4.48 6.93 -3.49
CA GLY A 303 4.70 6.46 -2.14
C GLY A 303 3.62 6.96 -1.14
N VAL A 304 2.37 7.05 -1.59
CA VAL A 304 1.28 7.47 -0.71
C VAL A 304 0.67 6.27 -0.02
N GLY A 305 -0.04 6.56 1.08
CA GLY A 305 -0.88 5.56 1.70
C GLY A 305 -2.33 5.81 1.33
N VAL A 306 -3.00 4.74 0.90
CA VAL A 306 -4.35 4.93 0.41
C VAL A 306 -5.32 3.92 1.01
N ALA A 307 -6.52 4.42 1.33
CA ALA A 307 -7.52 3.57 1.98
C ALA A 307 -8.93 4.13 1.76
N VAL A 308 -9.95 3.29 1.92
CA VAL A 308 -11.30 3.72 1.61
C VAL A 308 -12.21 3.60 2.84
N THR A 309 -12.97 4.68 3.08
CA THR A 309 -13.98 4.63 4.12
C THR A 309 -15.00 5.75 3.95
CAI FUU B . 14.39 11.11 -2.89
CAD FUU B . 15.45 11.86 -2.61
CAF FUU B . 15.59 11.95 -1.29
OAR FUU B . 14.58 11.23 -0.70
CAY FUU B . 13.85 10.71 -1.74
CAZ FUU B . 12.75 9.89 -1.54
OAS FUU B . 12.05 9.36 -2.59
NAN FUU B . 12.22 9.45 -0.41
NAM FUU B . 11.28 8.68 -0.64
CAX FUU B . 11.13 8.58 -1.96
NAP FUU B . 10.27 7.78 -2.58
CAU FUU B . 9.40 7.03 -1.91
OAB FUU B . 9.31 7.05 -0.69
NAO FUU B . 8.60 6.26 -2.65
CAK FUU B . 7.60 5.36 -2.06
CAV FUU B . 7.98 3.91 -2.40
CAJ FUU B . 9.06 3.67 -3.24
CAG FUU B . 7.26 2.85 -1.87
CAE FUU B . 7.61 1.55 -2.19
CAH FUU B . 8.69 1.31 -3.03
CAW FUU B . 9.41 2.37 -3.56
OAQ FUU B . 10.50 2.14 -4.36
CAL FUU B . 10.35 0.91 -5.07
CAT FUU B . 11.58 0.04 -4.80
OAC FUU B . 11.95 -0.75 -5.69
OAA FUU B . 12.15 0.17 -3.70
#